data_6FIN
#
_entry.id   6FIN
#
_cell.length_a   40.960
_cell.length_b   62.120
_cell.length_c   63.990
_cell.angle_alpha   90.000
_cell.angle_beta   106.740
_cell.angle_gamma   90.000
#
_symmetry.space_group_name_H-M   'P 1 21 1'
#
loop_
_entity.id
_entity.type
_entity.pdbx_description
1 polymer 'Epithelial discoidin domain-containing receptor 1'
2 non-polymer 'IODIDE ION'
3 non-polymer 3-[(3-cyclopropyl-1,2,4-oxadiazol-5-yl)methyl]-8-(1~{H}-indazol-5-ylcarbonyl)-1-phenyl-1,3,8-triazaspiro[4.5]decan-4-one
4 water water
#
_entity_poly.entity_id   1
_entity_poly.type   'polypeptide(L)'
_entity_poly.pdbx_seq_one_letter_code
;PGAVGDGPPRVDFPRSRLRFKEKLGEGQFGEVHLCEVDSPQDLVSLDFPLNVRKGHPLLVAVKILRPDATKNARNDFLKE
VKIMSRLKDPNIIRLLGVCVQDDPLCMITDYMENGDLNQFLSAHQLEDKAAEGAPGDPTISYPMLLHVAAQIASGMRYLA
TLNFVHRDLATRNCLVGENFTIKIADFGMSRNLYAGDYYRVQGRAVLPIRWMAWECILMGKFTTASDVWAFGVTLWEVLM
LCRAQPFGQLTDEQVIENAGEFFRDQGRQVYLSRPPACPQGLYELMLRCWSRESEQRPPFSQLHRFLAEDALNTVHHHHH
H
;
_entity_poly.pdbx_strand_id   A
#
# COMPACT_ATOMS: atom_id res chain seq x y z
N VAL A 11 21.38 -17.81 -3.92
CA VAL A 11 20.87 -19.07 -4.46
C VAL A 11 19.57 -18.83 -5.22
N ASP A 12 19.61 -18.95 -6.54
CA ASP A 12 18.41 -18.77 -7.37
C ASP A 12 17.33 -19.79 -7.02
N PHE A 13 16.09 -19.32 -6.95
CA PHE A 13 14.93 -20.21 -6.95
C PHE A 13 14.94 -21.00 -8.25
N PRO A 14 14.56 -22.30 -8.19
CA PRO A 14 14.50 -23.09 -9.42
C PRO A 14 13.35 -22.70 -10.35
N ARG A 15 13.68 -21.95 -11.39
CA ARG A 15 12.72 -21.43 -12.36
C ARG A 15 11.85 -22.52 -13.00
N SER A 16 12.41 -23.71 -13.17
CA SER A 16 11.68 -24.82 -13.79
C SER A 16 10.47 -25.29 -12.96
N ARG A 17 10.45 -24.96 -11.67
CA ARG A 17 9.34 -25.39 -10.81
C ARG A 17 8.15 -24.44 -10.85
N LEU A 18 8.28 -23.31 -11.54
CA LEU A 18 7.20 -22.34 -11.59
C LEU A 18 6.28 -22.66 -12.75
N ARG A 19 5.00 -22.83 -12.45
CA ARG A 19 4.03 -23.21 -13.47
C ARG A 19 2.93 -22.16 -13.59
N PHE A 20 2.93 -21.48 -14.73
CA PHE A 20 1.96 -20.43 -15.03
C PHE A 20 0.51 -20.89 -14.82
N LYS A 21 -0.34 -19.96 -14.39
CA LYS A 21 -1.74 -20.25 -14.17
C LYS A 21 -2.60 -19.14 -14.78
N GLU A 22 -2.30 -17.89 -14.44
CA GLU A 22 -2.98 -16.75 -15.05
C GLU A 22 -2.23 -15.45 -14.76
N LYS A 23 -2.61 -14.39 -15.46
CA LYS A 23 -1.96 -13.10 -15.36
C LYS A 23 -2.65 -12.22 -14.33
N LEU A 24 -1.88 -11.71 -13.38
CA LEU A 24 -2.42 -10.87 -12.31
C LEU A 24 -2.25 -9.40 -12.64
N GLY A 25 -1.25 -9.08 -13.43
CA GLY A 25 -0.93 -7.70 -13.71
C GLY A 25 -0.12 -7.45 -14.97
N GLU A 26 -0.61 -6.51 -15.77
CA GLU A 26 0.14 -6.04 -16.92
C GLU A 26 0.89 -4.78 -16.53
N GLY A 27 2.22 -4.88 -16.48
CA GLY A 27 3.05 -3.72 -16.22
C GLY A 27 3.63 -3.19 -17.52
N GLN A 28 4.32 -2.04 -17.44
CA GLN A 28 4.91 -1.41 -18.61
C GLN A 28 6.08 -2.23 -19.21
N PHE A 29 6.85 -2.89 -18.35
CA PHE A 29 8.05 -3.59 -18.82
C PHE A 29 8.04 -5.05 -18.40
N GLY A 30 6.95 -5.47 -17.77
CA GLY A 30 6.86 -6.82 -17.30
C GLY A 30 5.44 -7.22 -17.01
N GLU A 31 5.31 -8.37 -16.37
CA GLU A 31 4.01 -8.84 -15.97
C GLU A 31 4.16 -9.43 -14.60
N VAL A 32 3.03 -9.51 -13.89
CA VAL A 32 2.95 -10.30 -12.70
C VAL A 32 2.03 -11.47 -13.02
N HIS A 33 2.51 -12.69 -12.76
CA HIS A 33 1.76 -13.93 -13.03
C HIS A 33 1.44 -14.67 -11.75
N LEU A 34 0.29 -15.34 -11.73
CA LEU A 34 -0.02 -16.31 -10.70
C LEU A 34 0.57 -17.66 -11.12
N CYS A 35 1.38 -18.26 -10.25
CA CYS A 35 2.05 -19.53 -10.59
C CYS A 35 1.82 -20.58 -9.53
N GLU A 36 1.80 -21.85 -9.94
CA GLU A 36 1.89 -22.96 -9.00
C GLU A 36 3.36 -23.36 -8.86
N VAL A 37 3.75 -23.87 -7.69
CA VAL A 37 5.09 -24.39 -7.49
C VAL A 37 5.05 -25.92 -7.57
N ASP A 38 5.71 -26.50 -8.58
CA ASP A 38 5.77 -27.96 -8.71
C ASP A 38 6.51 -28.60 -7.53
N SER A 39 5.88 -29.62 -6.96
CA SER A 39 6.47 -30.42 -5.88
C SER A 39 7.09 -29.56 -4.78
N PRO A 40 6.24 -28.81 -4.06
CA PRO A 40 6.63 -27.73 -3.14
C PRO A 40 7.48 -28.17 -1.94
N GLN A 41 7.31 -29.41 -1.48
CA GLN A 41 7.98 -29.88 -0.27
C GLN A 41 9.51 -29.89 -0.40
N ASP A 42 10.01 -30.10 -1.63
CA ASP A 42 11.45 -30.14 -1.86
C ASP A 42 12.14 -28.80 -1.58
N LEU A 43 11.38 -27.72 -1.70
CA LEU A 43 11.98 -26.39 -1.75
C LEU A 43 11.92 -25.63 -0.43
N VAL A 44 11.05 -26.09 0.49
CA VAL A 44 10.84 -25.40 1.77
C VAL A 44 12.14 -25.27 2.56
N SER A 45 12.85 -24.17 2.32
CA SER A 45 14.12 -23.83 2.98
C SER A 45 15.03 -25.02 3.22
N PRO A 49 11.72 -21.03 1.98
CA PRO A 49 11.18 -20.06 2.93
C PRO A 49 9.67 -19.94 2.86
N LEU A 50 9.01 -20.99 2.38
CA LEU A 50 7.57 -20.97 2.14
C LEU A 50 6.85 -21.95 3.08
N ASN A 51 5.54 -21.81 3.19
CA ASN A 51 4.75 -22.78 3.94
C ASN A 51 3.55 -23.24 3.13
N VAL A 52 3.45 -24.55 2.96
CA VAL A 52 2.41 -25.14 2.12
C VAL A 52 1.67 -26.24 2.87
N ARG A 53 0.33 -26.15 2.86
CA ARG A 53 -0.49 -27.21 3.43
C ARG A 53 -0.51 -28.41 2.49
N LYS A 54 -0.35 -29.60 3.06
CA LYS A 54 -0.22 -30.83 2.28
C LYS A 54 -1.46 -31.14 1.44
N GLY A 55 -1.23 -31.55 0.19
CA GLY A 55 -2.32 -31.91 -0.71
C GLY A 55 -3.11 -30.72 -1.23
N HIS A 56 -2.47 -29.54 -1.21
CA HIS A 56 -3.08 -28.32 -1.71
C HIS A 56 -2.11 -27.60 -2.64
N PRO A 57 -2.63 -26.80 -3.59
CA PRO A 57 -1.76 -26.14 -4.56
C PRO A 57 -1.05 -24.92 -3.97
N LEU A 58 0.28 -24.92 -3.99
CA LEU A 58 1.02 -23.74 -3.54
C LEU A 58 1.05 -22.70 -4.65
N LEU A 59 0.45 -21.55 -4.38
CA LEU A 59 0.32 -20.48 -5.35
C LEU A 59 1.25 -19.32 -4.96
N VAL A 60 1.94 -18.76 -5.93
CA VAL A 60 2.80 -17.60 -5.67
C VAL A 60 2.57 -16.54 -6.72
N ALA A 61 2.97 -15.31 -6.43
CA ALA A 61 2.97 -14.28 -7.46
C ALA A 61 4.39 -14.01 -7.91
N VAL A 62 4.57 -13.93 -9.22
CA VAL A 62 5.91 -13.79 -9.81
C VAL A 62 5.95 -12.58 -10.72
N LYS A 63 6.86 -11.66 -10.42
CA LYS A 63 7.08 -10.48 -11.25
C LYS A 63 8.24 -10.78 -12.19
N ILE A 64 7.95 -10.73 -13.49
CA ILE A 64 8.90 -11.12 -14.51
C ILE A 64 9.21 -9.96 -15.44
N LEU A 65 10.50 -9.75 -15.67
CA LEU A 65 10.95 -8.71 -16.57
C LEU A 65 11.01 -9.26 -17.99
N ARG A 66 10.35 -8.58 -18.93
CA ARG A 66 10.44 -8.95 -20.34
C ARG A 66 11.92 -8.94 -20.74
N PRO A 67 12.39 -10.03 -21.37
CA PRO A 67 13.81 -10.23 -21.71
C PRO A 67 14.29 -9.38 -22.87
N ASP A 68 13.40 -8.54 -23.40
CA ASP A 68 13.79 -7.58 -24.42
C ASP A 68 13.48 -6.17 -23.93
N ALA A 69 13.26 -6.02 -22.62
CA ALA A 69 12.97 -4.71 -22.06
C ALA A 69 14.24 -3.85 -22.07
N THR A 70 14.05 -2.54 -22.10
CA THR A 70 15.16 -1.60 -22.24
C THR A 70 16.18 -1.76 -21.10
N LYS A 71 17.37 -1.19 -21.32
CA LYS A 71 18.42 -1.23 -20.29
C LYS A 71 17.96 -0.47 -19.06
N ASN A 72 17.22 0.61 -19.29
CA ASN A 72 16.63 1.37 -18.20
C ASN A 72 15.70 0.49 -17.35
N ALA A 73 14.88 -0.32 -18.01
CA ALA A 73 13.93 -1.18 -17.32
C ALA A 73 14.63 -2.25 -16.48
N ARG A 74 15.68 -2.84 -17.03
CA ARG A 74 16.46 -3.86 -16.34
C ARG A 74 17.17 -3.26 -15.11
N ASN A 75 17.68 -2.05 -15.25
CA ASN A 75 18.31 -1.34 -14.14
C ASN A 75 17.29 -1.09 -13.02
N ASP A 76 16.09 -0.65 -13.39
CA ASP A 76 15.09 -0.36 -12.38
C ASP A 76 14.69 -1.65 -11.67
N PHE A 77 14.62 -2.75 -12.41
CA PHE A 77 14.28 -4.08 -11.86
C PHE A 77 15.33 -4.56 -10.85
N LEU A 78 16.60 -4.45 -11.23
CA LEU A 78 17.69 -4.83 -10.31
C LEU A 78 17.65 -4.00 -9.02
N LYS A 79 17.30 -2.70 -9.11
CA LYS A 79 17.21 -1.92 -7.88
C LYS A 79 16.04 -2.34 -7.03
N GLU A 80 14.94 -2.74 -7.66
CA GLU A 80 13.77 -3.16 -6.90
C GLU A 80 14.08 -4.44 -6.14
N VAL A 81 14.86 -5.32 -6.75
CA VAL A 81 15.30 -6.54 -6.06
C VAL A 81 16.09 -6.18 -4.80
N LYS A 82 17.01 -5.21 -4.92
CA LYS A 82 17.79 -4.74 -3.75
C LYS A 82 16.90 -4.22 -2.63
N ILE A 83 15.92 -3.41 -2.99
CA ILE A 83 15.00 -2.83 -2.01
C ILE A 83 14.16 -3.92 -1.35
N MET A 84 13.56 -4.80 -2.16
CA MET A 84 12.69 -5.86 -1.65
CA MET A 84 12.69 -5.84 -1.64
C MET A 84 13.41 -6.81 -0.70
N SER A 85 14.70 -7.04 -0.98
CA SER A 85 15.52 -8.00 -0.23
CA SER A 85 15.49 -8.02 -0.22
C SER A 85 15.58 -7.70 1.27
N ARG A 86 15.51 -6.43 1.63
CA ARG A 86 15.58 -5.96 3.03
CA ARG A 86 15.61 -6.12 3.06
C ARG A 86 14.27 -6.12 3.81
N LEU A 87 13.15 -6.17 3.09
CA LEU A 87 11.84 -6.09 3.73
C LEU A 87 11.38 -7.39 4.38
N LYS A 88 11.44 -7.44 5.71
CA LYS A 88 11.03 -8.65 6.44
C LYS A 88 10.10 -8.32 7.61
N ASP A 89 8.79 -8.27 7.34
CA ASP A 89 7.76 -7.93 8.33
C ASP A 89 6.44 -8.54 7.86
N PRO A 90 5.59 -9.03 8.81
CA PRO A 90 4.32 -9.67 8.46
C PRO A 90 3.34 -8.81 7.66
N ASN A 91 3.50 -7.49 7.70
CA ASN A 91 2.53 -6.63 7.02
C ASN A 91 3.17 -5.83 5.86
N ILE A 92 4.30 -6.31 5.37
CA ILE A 92 4.95 -5.79 4.16
C ILE A 92 5.16 -6.99 3.25
N ILE A 93 5.01 -6.83 1.93
CA ILE A 93 5.24 -8.00 1.09
C ILE A 93 6.71 -8.42 1.21
N ARG A 94 6.94 -9.70 0.95
CA ARG A 94 8.17 -10.41 1.28
C ARG A 94 8.77 -11.03 0.02
N LEU A 95 10.09 -11.04 -0.09
CA LEU A 95 10.74 -11.65 -1.25
C LEU A 95 11.01 -13.13 -0.96
N LEU A 96 10.18 -14.03 -1.51
CA LEU A 96 10.34 -15.48 -1.30
C LEU A 96 11.55 -16.07 -2.02
N GLY A 97 11.89 -15.51 -3.17
CA GLY A 97 13.05 -15.95 -3.91
C GLY A 97 13.24 -15.11 -5.17
N VAL A 98 14.36 -15.34 -5.85
CA VAL A 98 14.65 -14.65 -7.09
C VAL A 98 15.17 -15.63 -8.13
N CYS A 99 14.96 -15.32 -9.40
CA CYS A 99 15.72 -15.98 -10.47
C CYS A 99 16.41 -14.89 -11.27
N VAL A 100 17.69 -14.66 -11.01
CA VAL A 100 18.36 -13.53 -11.65
C VAL A 100 19.71 -13.90 -12.26
N GLN A 101 20.14 -15.14 -12.08
CA GLN A 101 21.40 -15.58 -12.65
C GLN A 101 21.28 -15.71 -14.16
N ASP A 102 20.05 -15.83 -14.64
CA ASP A 102 19.77 -15.85 -16.07
C ASP A 102 18.42 -15.19 -16.38
N ASP A 103 18.09 -15.06 -17.66
CA ASP A 103 16.88 -14.38 -18.10
C ASP A 103 15.74 -15.36 -18.35
N PRO A 104 14.47 -14.94 -18.16
CA PRO A 104 14.07 -13.61 -17.70
C PRO A 104 14.25 -13.42 -16.20
N LEU A 105 14.56 -12.20 -15.78
CA LEU A 105 14.73 -11.93 -14.36
C LEU A 105 13.39 -12.04 -13.65
N CYS A 106 13.37 -12.73 -12.50
CA CYS A 106 12.15 -13.00 -11.73
C CYS A 106 12.28 -12.68 -10.26
N MET A 107 11.21 -12.12 -9.70
CA MET A 107 10.99 -12.00 -8.25
C MET A 107 9.76 -12.80 -7.87
N ILE A 108 9.79 -13.42 -6.70
CA ILE A 108 8.67 -14.24 -6.22
C ILE A 108 8.17 -13.78 -4.87
N THR A 109 6.85 -13.66 -4.72
CA THR A 109 6.23 -13.25 -3.46
C THR A 109 4.96 -14.07 -3.15
N ASP A 110 4.50 -14.04 -1.89
CA ASP A 110 3.24 -14.69 -1.49
C ASP A 110 2.06 -14.26 -2.35
N TYR A 111 1.15 -15.20 -2.65
CA TYR A 111 -0.09 -14.86 -3.33
C TYR A 111 -1.12 -14.36 -2.32
N MET A 112 -1.68 -13.18 -2.59
CA MET A 112 -2.68 -12.59 -1.72
C MET A 112 -4.01 -12.64 -2.46
N GLU A 113 -4.85 -13.60 -2.08
CA GLU A 113 -5.95 -14.03 -2.95
C GLU A 113 -7.08 -13.03 -3.12
N ASN A 114 -7.15 -12.01 -2.28
CA ASN A 114 -8.24 -11.05 -2.38
C ASN A 114 -7.87 -9.71 -3.05
N GLY A 115 -6.67 -9.66 -3.65
CA GLY A 115 -6.33 -8.53 -4.51
C GLY A 115 -6.09 -7.26 -3.72
N ASP A 116 -6.23 -6.09 -4.35
CA ASP A 116 -5.90 -4.86 -3.64
C ASP A 116 -7.05 -4.44 -2.73
N LEU A 117 -6.71 -3.69 -1.69
CA LEU A 117 -7.63 -3.38 -0.60
C LEU A 117 -8.73 -2.38 -1.02
N ASN A 118 -8.45 -1.49 -1.96
CA ASN A 118 -9.48 -0.59 -2.46
C ASN A 118 -10.64 -1.37 -3.11
N GLN A 119 -10.31 -2.27 -4.04
CA GLN A 119 -11.32 -3.13 -4.67
C GLN A 119 -12.06 -4.02 -3.67
N PHE A 120 -11.30 -4.59 -2.74
CA PHE A 120 -11.84 -5.52 -1.74
C PHE A 120 -12.87 -4.85 -0.84
N LEU A 121 -12.51 -3.72 -0.24
CA LEU A 121 -13.41 -3.00 0.67
C LEU A 121 -14.63 -2.42 -0.04
N SER A 122 -14.44 -1.96 -1.28
CA SER A 122 -15.51 -1.37 -2.09
C SER A 122 -16.74 -2.29 -2.22
N ALA A 123 -16.49 -3.60 -2.17
CA ALA A 123 -17.58 -4.58 -2.32
C ALA A 123 -18.32 -4.84 -1.00
N HIS A 124 -17.78 -4.35 0.11
CA HIS A 124 -18.39 -4.56 1.43
C HIS A 124 -19.20 -3.36 1.89
N GLN A 125 -20.17 -3.62 2.76
CA GLN A 125 -20.87 -2.58 3.52
C GLN A 125 -20.62 -2.78 5.00
N LEU A 126 -20.71 -1.70 5.78
CA LEU A 126 -20.62 -1.82 7.23
C LEU A 126 -21.78 -2.70 7.72
N GLU A 127 -21.47 -3.64 8.61
CA GLU A 127 -22.53 -4.54 9.08
C GLU A 127 -23.59 -3.77 9.85
N ASP A 128 -24.83 -4.14 9.65
CA ASP A 128 -25.95 -3.53 10.35
C ASP A 128 -26.29 -4.39 11.56
N LYS A 129 -26.00 -3.86 12.75
CA LYS A 129 -26.25 -4.55 14.01
C LYS A 129 -27.70 -5.05 14.07
N ALA A 130 -28.63 -4.19 13.66
CA ALA A 130 -30.04 -4.52 13.58
C ALA A 130 -30.29 -5.65 12.58
N ALA A 131 -29.45 -5.73 11.56
CA ALA A 131 -29.52 -6.78 10.53
C ALA A 131 -30.90 -6.85 9.89
N PRO A 138 -21.85 -9.33 1.32
CA PRO A 138 -20.62 -9.30 2.11
C PRO A 138 -20.51 -8.05 2.96
N THR A 139 -20.32 -8.24 4.27
CA THR A 139 -20.26 -7.10 5.18
C THR A 139 -18.98 -7.14 6.02
N ILE A 140 -18.68 -6.04 6.68
CA ILE A 140 -17.51 -6.00 7.56
C ILE A 140 -17.91 -5.23 8.81
N SER A 141 -17.40 -5.66 9.96
CA SER A 141 -17.68 -5.02 11.23
C SER A 141 -16.74 -3.86 11.50
N TYR A 142 -17.14 -2.95 12.38
CA TYR A 142 -16.29 -1.84 12.77
C TYR A 142 -14.96 -2.32 13.40
N PRO A 143 -15.01 -3.31 14.32
CA PRO A 143 -13.71 -3.80 14.84
C PRO A 143 -12.78 -4.36 13.78
N MET A 144 -13.33 -4.96 12.73
CA MET A 144 -12.49 -5.52 11.68
C MET A 144 -11.87 -4.40 10.83
N LEU A 145 -12.62 -3.32 10.60
CA LEU A 145 -12.05 -2.15 9.95
C LEU A 145 -10.84 -1.62 10.74
N LEU A 146 -10.97 -1.56 12.07
CA LEU A 146 -9.85 -1.14 12.89
C LEU A 146 -8.68 -2.12 12.80
N HIS A 147 -8.99 -3.41 12.67
CA HIS A 147 -7.94 -4.43 12.54
C HIS A 147 -7.18 -4.27 11.23
N VAL A 148 -7.92 -3.95 10.16
CA VAL A 148 -7.30 -3.66 8.86
C VAL A 148 -6.36 -2.44 8.99
N ALA A 149 -6.86 -1.37 9.60
CA ALA A 149 -6.08 -0.15 9.83
C ALA A 149 -4.82 -0.36 10.69
N ALA A 150 -4.94 -1.14 11.77
CA ALA A 150 -3.81 -1.40 12.65
C ALA A 150 -2.70 -2.20 11.95
N GLN A 151 -3.06 -3.12 11.06
CA GLN A 151 -2.06 -3.86 10.31
C GLN A 151 -1.25 -2.93 9.38
N ILE A 152 -1.94 -2.00 8.73
CA ILE A 152 -1.24 -0.99 7.93
C ILE A 152 -0.32 -0.15 8.83
N ALA A 153 -0.79 0.27 10.00
CA ALA A 153 0.07 1.03 10.92
C ALA A 153 1.31 0.25 11.37
N SER A 154 1.15 -1.06 11.57
CA SER A 154 2.27 -1.92 12.00
C SER A 154 3.30 -2.08 10.87
N GLY A 155 2.81 -2.20 9.64
CA GLY A 155 3.72 -2.23 8.52
C GLY A 155 4.52 -0.96 8.38
N MET A 156 3.85 0.19 8.51
CA MET A 156 4.55 1.46 8.41
C MET A 156 5.51 1.70 9.59
N ARG A 157 5.13 1.23 10.77
CA ARG A 157 5.99 1.28 11.96
C ARG A 157 7.32 0.60 11.64
N TYR A 158 7.25 -0.57 11.01
CA TYR A 158 8.44 -1.30 10.62
C TYR A 158 9.30 -0.52 9.62
N LEU A 159 8.69 -0.03 8.54
CA LEU A 159 9.40 0.77 7.55
C LEU A 159 10.10 1.99 8.17
N ALA A 160 9.48 2.58 9.19
CA ALA A 160 10.07 3.73 9.87
C ALA A 160 11.38 3.36 10.59
N THR A 161 11.43 2.18 11.20
CA THR A 161 12.69 1.72 11.81
C THR A 161 13.79 1.50 10.79
N LEU A 162 13.41 1.33 9.53
CA LEU A 162 14.39 1.18 8.45
C LEU A 162 14.78 2.52 7.85
N ASN A 163 14.18 3.59 8.35
CA ASN A 163 14.26 4.90 7.74
C ASN A 163 13.89 4.82 6.26
N PHE A 164 12.90 4.00 5.97
CA PHE A 164 12.42 3.83 4.60
C PHE A 164 11.16 4.64 4.42
N VAL A 165 11.17 5.56 3.47
CA VAL A 165 9.99 6.37 3.18
C VAL A 165 9.22 5.79 1.98
N HIS A 166 7.94 5.52 2.17
CA HIS A 166 7.14 4.86 1.13
C HIS A 166 6.81 5.77 -0.05
N ARG A 167 6.28 6.97 0.25
CA ARG A 167 5.93 8.03 -0.71
C ARG A 167 4.57 7.88 -1.44
N ASP A 168 3.96 6.69 -1.38
CA ASP A 168 2.67 6.51 -2.04
C ASP A 168 1.76 5.55 -1.26
N LEU A 169 1.67 5.73 0.05
CA LEU A 169 0.69 4.96 0.83
C LEU A 169 -0.79 5.33 0.50
N ALA A 170 -1.58 4.32 0.18
CA ALA A 170 -2.98 4.48 -0.17
C ALA A 170 -3.60 3.09 -0.16
N THR A 171 -4.92 2.96 -0.08
CA THR A 171 -5.48 1.59 -0.05
C THR A 171 -5.25 0.83 -1.35
N ARG A 172 -5.19 1.53 -2.48
CA ARG A 172 -4.88 0.88 -3.76
C ARG A 172 -3.53 0.17 -3.74
N ASN A 173 -2.66 0.52 -2.81
CA ASN A 173 -1.32 -0.08 -2.75
C ASN A 173 -1.16 -1.14 -1.68
N CYS A 174 -2.27 -1.53 -1.06
CA CYS A 174 -2.24 -2.61 -0.08
C CYS A 174 -2.89 -3.88 -0.66
N LEU A 175 -2.38 -5.03 -0.27
CA LEU A 175 -2.93 -6.31 -0.73
C LEU A 175 -3.66 -7.02 0.41
N VAL A 176 -4.62 -7.88 0.10
CA VAL A 176 -5.42 -8.55 1.13
C VAL A 176 -5.37 -10.06 0.96
N GLY A 177 -5.11 -10.79 2.05
CA GLY A 177 -5.12 -12.26 2.00
C GLY A 177 -6.35 -12.89 2.64
N GLU A 178 -6.16 -14.06 3.25
CA GLU A 178 -7.24 -14.71 4.00
C GLU A 178 -7.45 -14.03 5.34
N ASN A 179 -8.68 -14.04 5.84
CA ASN A 179 -8.98 -13.54 7.18
C ASN A 179 -8.54 -12.09 7.38
N PHE A 180 -8.72 -11.29 6.33
CA PHE A 180 -8.48 -9.85 6.41
C PHE A 180 -7.03 -9.50 6.77
N THR A 181 -6.08 -10.35 6.39
CA THR A 181 -4.67 -10.01 6.59
C THR A 181 -4.23 -9.03 5.50
N ILE A 182 -3.38 -8.08 5.87
CA ILE A 182 -3.00 -6.98 4.98
C ILE A 182 -1.50 -6.90 4.80
N LYS A 183 -1.06 -6.69 3.57
CA LYS A 183 0.36 -6.39 3.30
C LYS A 183 0.53 -5.15 2.41
N ILE A 184 1.46 -4.29 2.79
CA ILE A 184 1.73 -3.07 2.02
C ILE A 184 2.62 -3.38 0.84
N ALA A 185 2.25 -2.84 -0.32
CA ALA A 185 3.01 -2.99 -1.56
C ALA A 185 3.24 -1.63 -2.20
N ASP A 186 3.64 -1.59 -3.46
CA ASP A 186 3.76 -0.34 -4.18
C ASP A 186 3.68 -0.58 -5.70
N PHE A 187 2.46 -0.49 -6.23
CA PHE A 187 2.20 -0.86 -7.63
C PHE A 187 2.82 0.11 -8.64
N GLY A 188 3.29 1.25 -8.17
CA GLY A 188 3.67 2.31 -9.10
C GLY A 188 2.39 3.05 -9.46
N MET A 189 2.45 3.91 -10.46
CA MET A 189 1.34 4.81 -10.70
C MET A 189 0.71 4.68 -12.08
N SER A 190 0.88 3.53 -12.72
CA SER A 190 0.43 3.38 -14.10
C SER A 190 -0.94 2.69 -14.31
N ARG A 191 -1.48 1.97 -13.31
CA ARG A 191 -2.76 1.27 -13.51
C ARG A 191 -3.90 2.22 -13.93
N ASN A 192 -4.64 1.83 -14.97
CA ASN A 192 -5.75 2.66 -15.50
C ASN A 192 -6.81 2.94 -14.46
N LEU A 193 -7.06 1.95 -13.62
CA LEU A 193 -8.15 1.98 -12.65
C LEU A 193 -7.99 3.16 -11.70
N TYR A 194 -6.75 3.58 -11.46
CA TYR A 194 -6.48 4.61 -10.46
C TYR A 194 -5.86 5.85 -11.08
N ALA A 195 -6.02 6.03 -12.39
CA ALA A 195 -5.42 7.18 -13.07
C ALA A 195 -5.85 8.52 -12.46
N GLY A 196 -7.10 8.57 -11.99
CA GLY A 196 -7.65 9.78 -11.39
C GLY A 196 -7.05 10.17 -10.04
N ASP A 197 -6.28 9.26 -9.47
CA ASP A 197 -5.58 9.48 -8.19
C ASP A 197 -4.21 10.15 -8.34
N TYR A 198 -3.78 10.41 -9.57
CA TYR A 198 -2.47 11.04 -9.79
C TYR A 198 -2.58 12.29 -10.66
N TYR A 199 -1.75 13.27 -10.34
CA TYR A 199 -1.70 14.55 -11.03
C TYR A 199 -0.48 14.58 -11.92
N ARG A 200 -0.70 14.75 -13.21
CA ARG A 200 0.37 14.64 -14.20
C ARG A 200 0.68 15.97 -14.90
N VAL A 201 1.94 16.38 -14.82
CA VAL A 201 2.42 17.54 -15.59
C VAL A 201 3.63 17.10 -16.42
N GLN A 202 3.70 17.56 -17.67
CA GLN A 202 4.80 17.18 -18.56
C GLN A 202 6.16 17.51 -17.95
N GLY A 203 7.03 16.50 -17.89
CA GLY A 203 8.39 16.69 -17.39
C GLY A 203 8.54 16.65 -15.88
N ARG A 204 7.44 16.45 -15.17
CA ARG A 204 7.45 16.34 -13.70
C ARG A 204 7.13 14.92 -13.21
N ALA A 205 7.52 14.62 -11.98
CA ALA A 205 7.09 13.38 -11.33
C ALA A 205 5.56 13.32 -11.22
N VAL A 206 5.00 12.12 -11.39
CA VAL A 206 3.57 11.89 -11.22
C VAL A 206 3.23 11.86 -9.73
N LEU A 207 2.21 12.61 -9.31
CA LEU A 207 2.03 12.87 -7.88
C LEU A 207 0.63 12.54 -7.35
N PRO A 208 0.56 11.73 -6.28
CA PRO A 208 -0.75 11.44 -5.65
C PRO A 208 -1.16 12.57 -4.71
N ILE A 209 -1.51 13.72 -5.29
CA ILE A 209 -1.69 14.93 -4.47
C ILE A 209 -2.76 14.83 -3.37
N ARG A 210 -3.79 13.99 -3.53
CA ARG A 210 -4.88 13.94 -2.55
C ARG A 210 -4.46 13.22 -1.25
N TRP A 211 -3.31 12.53 -1.33
CA TRP A 211 -2.75 11.80 -0.20
C TRP A 211 -1.50 12.50 0.35
N MET A 212 -1.11 13.65 -0.23
CA MET A 212 0.18 14.24 0.08
C MET A 212 0.09 15.38 1.12
N ALA A 213 1.00 15.37 2.08
CA ALA A 213 1.14 16.50 3.02
C ALA A 213 1.43 17.81 2.28
N TRP A 214 1.12 18.94 2.91
CA TRP A 214 1.29 20.21 2.20
C TRP A 214 2.74 20.47 1.80
N GLU A 215 3.70 20.08 2.64
CA GLU A 215 5.12 20.30 2.35
C GLU A 215 5.64 19.44 1.20
N CYS A 216 5.06 18.27 0.99
CA CYS A 216 5.40 17.45 -0.17
C CYS A 216 4.98 18.13 -1.46
N ILE A 217 3.77 18.69 -1.45
CA ILE A 217 3.21 19.34 -2.63
C ILE A 217 4.01 20.62 -2.95
N LEU A 218 4.34 21.40 -1.93
CA LEU A 218 5.03 22.67 -2.18
C LEU A 218 6.55 22.55 -2.31
N MET A 219 7.17 21.60 -1.60
CA MET A 219 8.64 21.48 -1.59
C MET A 219 9.22 20.13 -2.05
N GLY A 220 8.39 19.14 -2.31
CA GLY A 220 8.85 17.82 -2.66
C GLY A 220 9.53 17.09 -1.52
N LYS A 221 9.32 17.57 -0.31
CA LYS A 221 9.94 16.97 0.86
C LYS A 221 9.10 15.78 1.35
N PHE A 222 9.60 14.57 1.08
CA PHE A 222 8.96 13.33 1.53
C PHE A 222 9.74 12.74 2.70
N THR A 223 9.04 12.52 3.80
CA THR A 223 9.65 12.03 5.05
C THR A 223 8.74 11.01 5.70
N THR A 224 9.21 10.36 6.76
CA THR A 224 8.33 9.52 7.56
C THR A 224 7.10 10.33 8.03
N ALA A 225 7.28 11.62 8.31
CA ALA A 225 6.16 12.45 8.75
C ALA A 225 5.11 12.70 7.65
N SER A 226 5.51 12.75 6.39
CA SER A 226 4.51 12.83 5.34
C SER A 226 3.87 11.46 5.09
N ASP A 227 4.60 10.38 5.39
CA ASP A 227 3.95 9.06 5.36
C ASP A 227 2.84 8.98 6.42
N VAL A 228 3.01 9.64 7.56
CA VAL A 228 1.95 9.69 8.60
C VAL A 228 0.72 10.43 8.09
N TRP A 229 0.94 11.54 7.39
CA TRP A 229 -0.16 12.28 6.77
C TRP A 229 -0.93 11.36 5.82
N ALA A 230 -0.18 10.63 4.98
CA ALA A 230 -0.78 9.73 4.00
C ALA A 230 -1.50 8.60 4.70
N PHE A 231 -0.96 8.12 5.81
CA PHE A 231 -1.68 7.13 6.60
C PHE A 231 -3.03 7.68 7.09
N GLY A 232 -3.09 8.94 7.50
CA GLY A 232 -4.37 9.53 7.87
C GLY A 232 -5.41 9.47 6.77
N VAL A 233 -4.97 9.75 5.54
CA VAL A 233 -5.89 9.70 4.40
C VAL A 233 -6.30 8.26 4.14
N THR A 234 -5.34 7.35 4.24
CA THR A 234 -5.58 5.93 4.04
C THR A 234 -6.59 5.39 5.08
N LEU A 235 -6.43 5.80 6.34
CA LEU A 235 -7.42 5.49 7.37
C LEU A 235 -8.83 6.07 7.07
N TRP A 236 -8.89 7.32 6.61
CA TRP A 236 -10.14 7.88 6.12
C TRP A 236 -10.74 6.99 5.01
N GLU A 237 -9.93 6.55 4.04
CA GLU A 237 -10.42 5.63 2.97
C GLU A 237 -11.08 4.37 3.56
N VAL A 238 -10.37 3.73 4.49
CA VAL A 238 -10.87 2.53 5.16
C VAL A 238 -12.22 2.78 5.85
N LEU A 239 -12.32 3.89 6.57
CA LEU A 239 -13.55 4.17 7.31
C LEU A 239 -14.68 4.59 6.37
N MET A 240 -14.32 5.01 5.15
CA MET A 240 -15.30 5.30 4.10
C MET A 240 -15.67 4.06 3.30
N LEU A 241 -15.07 2.93 3.67
CA LEU A 241 -15.14 1.66 2.94
C LEU A 241 -14.73 1.83 1.47
N CYS A 242 -13.78 2.74 1.23
CA CYS A 242 -13.28 3.08 -0.11
C CYS A 242 -14.42 3.46 -1.06
N ARG A 243 -15.44 4.11 -0.53
CA ARG A 243 -16.64 4.53 -1.29
CA ARG A 243 -16.60 4.48 -1.35
C ARG A 243 -16.47 5.88 -1.97
N ALA A 244 -15.39 6.59 -1.65
CA ALA A 244 -15.25 7.96 -2.16
C ALA A 244 -13.77 8.41 -2.23
N GLN A 245 -13.46 9.25 -3.20
CA GLN A 245 -12.10 9.74 -3.37
C GLN A 245 -11.84 10.86 -2.38
N PRO A 246 -10.62 10.92 -1.80
CA PRO A 246 -10.37 12.05 -0.90
C PRO A 246 -10.53 13.41 -1.58
N PHE A 247 -11.17 14.37 -0.90
CA PHE A 247 -11.51 15.67 -1.50
C PHE A 247 -12.22 15.52 -2.85
N GLY A 248 -13.11 14.54 -2.97
CA GLY A 248 -13.62 14.13 -4.28
C GLY A 248 -14.43 15.17 -5.01
N GLN A 249 -15.00 16.12 -4.27
CA GLN A 249 -15.78 17.18 -4.90
C GLN A 249 -14.95 18.39 -5.31
N LEU A 250 -13.63 18.34 -5.05
CA LEU A 250 -12.69 19.40 -5.42
C LEU A 250 -11.81 19.04 -6.61
N THR A 251 -11.39 20.04 -7.38
CA THR A 251 -10.51 19.79 -8.54
C THR A 251 -9.07 19.57 -8.09
N ASP A 252 -8.23 19.03 -8.98
CA ASP A 252 -6.80 18.90 -8.66
C ASP A 252 -6.22 20.25 -8.27
N GLU A 253 -6.60 21.29 -9.01
CA GLU A 253 -6.15 22.65 -8.74
C GLU A 253 -6.53 23.13 -7.35
N GLN A 254 -7.74 22.81 -6.91
CA GLN A 254 -8.18 23.22 -5.56
C GLN A 254 -7.43 22.45 -4.47
N VAL A 255 -7.08 21.20 -4.74
CA VAL A 255 -6.30 20.43 -3.77
C VAL A 255 -4.89 21.03 -3.60
N ILE A 256 -4.29 21.47 -4.69
CA ILE A 256 -2.96 22.07 -4.65
C ILE A 256 -3.02 23.43 -3.96
N GLU A 257 -4.04 24.21 -4.28
CA GLU A 257 -4.30 25.49 -3.61
C GLU A 257 -4.47 25.31 -2.09
N ASN A 258 -5.16 24.24 -1.69
CA ASN A 258 -5.32 23.92 -0.27
C ASN A 258 -3.95 23.74 0.43
N ALA A 259 -3.00 23.10 -0.25
CA ALA A 259 -1.64 22.95 0.30
C ALA A 259 -1.03 24.32 0.62
N GLY A 260 -1.20 25.27 -0.30
CA GLY A 260 -0.80 26.65 -0.06
C GLY A 260 -1.44 27.25 1.18
N GLU A 261 -2.70 26.92 1.45
CA GLU A 261 -3.35 27.47 2.64
C GLU A 261 -2.81 26.87 3.94
N PHE A 262 -2.32 25.62 3.92
CA PHE A 262 -1.64 25.12 5.10
C PHE A 262 -0.38 25.94 5.36
N PHE A 263 0.35 26.25 4.30
CA PHE A 263 1.60 27.01 4.47
C PHE A 263 1.32 28.39 5.05
N ARG A 264 0.38 29.11 4.43
CA ARG A 264 0.05 30.47 4.87
C ARG A 264 -0.46 30.50 6.31
N ASP A 265 -1.21 29.48 6.70
CA ASP A 265 -1.60 29.25 8.09
C ASP A 265 -2.48 30.39 8.63
N GLN A 266 -3.46 30.78 7.83
CA GLN A 266 -4.40 31.85 8.20
C GLN A 266 -5.80 31.32 8.51
N GLY A 267 -5.93 30.01 8.78
CA GLY A 267 -7.22 29.42 9.12
C GLY A 267 -8.13 29.09 7.95
N ARG A 268 -7.58 29.05 6.75
CA ARG A 268 -8.42 28.84 5.57
C ARG A 268 -8.22 27.45 4.96
N GLN A 269 -7.29 26.68 5.51
CA GLN A 269 -7.06 25.30 5.01
C GLN A 269 -8.24 24.36 5.35
N VAL A 270 -8.52 23.36 4.51
CA VAL A 270 -9.62 22.44 4.81
C VAL A 270 -9.14 21.00 4.92
N TYR A 271 -9.94 20.19 5.60
CA TYR A 271 -9.65 18.79 5.91
C TYR A 271 -10.71 17.85 5.37
N LEU A 272 -10.35 16.57 5.24
CA LEU A 272 -11.34 15.55 4.98
C LEU A 272 -12.36 15.50 6.13
N SER A 273 -13.62 15.32 5.79
CA SER A 273 -14.73 15.26 6.77
C SER A 273 -14.79 13.89 7.47
N ARG A 274 -15.49 13.85 8.61
CA ARG A 274 -15.59 12.62 9.40
C ARG A 274 -16.47 11.59 8.71
N PRO A 275 -15.93 10.39 8.41
CA PRO A 275 -16.78 9.34 7.83
C PRO A 275 -17.97 8.95 8.72
N PRO A 276 -19.07 8.49 8.14
CA PRO A 276 -20.22 7.94 8.89
C PRO A 276 -19.84 6.86 9.90
N ALA A 277 -18.95 5.96 9.50
CA ALA A 277 -18.53 4.86 10.38
C ALA A 277 -17.50 5.26 11.43
N CYS A 278 -17.04 6.50 11.39
CA CYS A 278 -15.94 6.98 12.27
C CYS A 278 -16.41 7.78 13.49
N PRO A 279 -16.12 7.28 14.71
CA PRO A 279 -16.39 8.02 15.95
C PRO A 279 -15.51 9.27 16.10
N GLN A 280 -15.95 10.25 16.89
CA GLN A 280 -15.19 11.51 17.01
C GLN A 280 -13.78 11.31 17.59
N GLY A 281 -13.59 10.35 18.49
CA GLY A 281 -12.27 10.06 19.04
C GLY A 281 -11.27 9.66 17.96
N LEU A 282 -11.70 8.77 17.08
CA LEU A 282 -10.85 8.30 15.98
C LEU A 282 -10.62 9.40 14.94
N TYR A 283 -11.63 10.23 14.71
CA TYR A 283 -11.46 11.36 13.80
C TYR A 283 -10.39 12.32 14.30
N GLU A 284 -10.31 12.48 15.63
CA GLU A 284 -9.34 13.39 16.22
C GLU A 284 -7.92 12.87 16.01
N LEU A 285 -7.76 11.54 15.93
CA LEU A 285 -6.48 10.92 15.55
C LEU A 285 -6.10 11.28 14.11
N MET A 286 -7.06 11.15 13.18
CA MET A 286 -6.84 11.56 11.79
C MET A 286 -6.37 13.02 11.71
N LEU A 287 -7.04 13.92 12.42
CA LEU A 287 -6.65 15.33 12.40
C LEU A 287 -5.22 15.54 12.90
N ARG A 288 -4.81 14.79 13.91
CA ARG A 288 -3.41 14.83 14.38
C ARG A 288 -2.43 14.43 13.25
N CYS A 289 -2.80 13.44 12.44
CA CYS A 289 -1.99 13.03 11.28
C CYS A 289 -1.83 14.13 10.25
N TRP A 290 -2.73 15.10 10.28
CA TRP A 290 -2.73 16.20 9.32
C TRP A 290 -2.26 17.52 9.97
N SER A 291 -1.51 17.43 11.06
CA SER A 291 -0.94 18.61 11.72
C SER A 291 -0.07 19.40 10.73
N ARG A 292 -0.17 20.73 10.74
CA ARG A 292 0.69 21.53 9.87
C ARG A 292 2.17 21.23 10.11
N GLU A 293 2.58 21.19 11.37
CA GLU A 293 3.98 20.93 11.69
C GLU A 293 4.27 19.44 11.65
N SER A 294 5.24 19.04 10.85
CA SER A 294 5.49 17.61 10.66
CA SER A 294 5.55 17.62 10.66
C SER A 294 5.89 16.91 11.96
N GLU A 295 6.59 17.61 12.86
CA GLU A 295 7.01 17.00 14.11
C GLU A 295 5.88 16.78 15.13
N GLN A 296 4.74 17.43 14.93
CA GLN A 296 3.60 17.23 15.83
C GLN A 296 2.72 16.03 15.41
N ARG A 297 2.94 15.49 14.21
CA ARG A 297 2.19 14.33 13.77
C ARG A 297 2.64 13.11 14.60
N PRO A 298 1.71 12.21 14.93
CA PRO A 298 2.06 11.07 15.79
C PRO A 298 3.02 10.10 15.10
N PRO A 299 3.89 9.43 15.86
CA PRO A 299 4.66 8.33 15.28
C PRO A 299 3.80 7.10 15.05
N PHE A 300 4.21 6.26 14.11
CA PHE A 300 3.46 5.05 13.78
C PHE A 300 3.34 4.09 14.97
N SER A 301 4.34 4.10 15.86
CA SER A 301 4.25 3.29 17.07
C SER A 301 3.01 3.68 17.91
N GLN A 302 2.72 4.97 18.02
CA GLN A 302 1.51 5.38 18.77
C GLN A 302 0.22 5.17 17.99
N LEU A 303 0.27 5.31 16.67
CA LEU A 303 -0.92 5.06 15.86
C LEU A 303 -1.35 3.61 15.95
N HIS A 304 -0.37 2.71 15.87
CA HIS A 304 -0.67 1.30 15.97
C HIS A 304 -1.29 0.98 17.33
N ARG A 305 -0.68 1.52 18.39
CA ARG A 305 -1.18 1.27 19.74
C ARG A 305 -2.63 1.70 19.88
N PHE A 306 -2.93 2.95 19.49
CA PHE A 306 -4.30 3.47 19.55
C PHE A 306 -5.29 2.53 18.86
N LEU A 307 -4.96 2.10 17.64
CA LEU A 307 -5.87 1.34 16.81
C LEU A 307 -6.02 -0.11 17.28
N ALA A 308 -4.93 -0.67 17.82
CA ALA A 308 -4.93 -2.05 18.29
C ALA A 308 -5.64 -2.18 19.63
N GLU A 309 -5.60 -1.13 20.43
CA GLU A 309 -6.33 -1.09 21.68
C GLU A 309 -7.83 -1.10 21.38
N ASP A 310 -8.22 -0.17 20.52
CA ASP A 310 -9.61 0.01 20.13
C ASP A 310 -10.19 -1.24 19.46
N ALA A 311 -9.35 -1.95 18.72
CA ALA A 311 -9.79 -3.18 18.02
C ALA A 311 -9.78 -4.39 18.96
N LEU A 312 -9.13 -4.24 20.11
CA LEU A 312 -9.08 -5.33 21.08
C LEU A 312 -10.49 -5.54 21.64
N ASN A 313 -11.13 -4.43 22.03
CA ASN A 313 -12.55 -4.40 22.36
C ASN A 313 -12.98 -2.98 22.73
#